data_9B9S
#
_entry.id   9B9S
#
_cell.length_a   178.537
_cell.length_b   178.537
_cell.length_c   89.380
_cell.angle_alpha   90.000
_cell.angle_beta   90.000
_cell.angle_gamma   120.000
#
_symmetry.space_group_name_H-M   'H 3 2'
#
loop_
_entity.id
_entity.type
_entity.pdbx_description
1 polymer 'Chemotaxis protein'
2 non-polymer GUANINE
#
_entity_poly.entity_id   1
_entity_poly.type   'polypeptide(L)'
_entity_poly.pdbx_seq_one_letter_code
;(MSE)GLQARSHSQARLDNLLNQELPAQVKGLAAHINLSLSQDLAISESLANSYFIEQWVREGLPEERQNDIAAYLARL
(MSE)EQLDTELLFIAAQHQGRGYYFQLRNGEFLQRIIQPPGSEDDWYYHFTDSDNAYELNLDSDTFSPDDAFVYVNYRS
TVNAANGRPLVVAGAGLDLSQ(MSE)ASLIDDFRLGGSGHASLLSAEGELLVRSGEAKRSDESAPTVATATEALPEQASQ
RLLQNEQLQVHEATRDGQEVLVSTIWLPELQRYL(MSE)VEVDKKAYLASTHERFLELEHHHHHH
;
_entity_poly.pdbx_strand_id   A
#
loop_
_chem_comp.id
_chem_comp.type
_chem_comp.name
_chem_comp.formula
GUN non-polymer GUANINE 'C5 H5 N5 O'
#
# COMPACT_ATOMS: atom_id res chain seq x y z
N GLN A 19 -30.54 -11.39 -7.61
CA GLN A 19 -29.88 -10.12 -7.26
C GLN A 19 -28.47 -10.04 -7.83
N GLU A 20 -28.32 -9.27 -8.91
CA GLU A 20 -27.03 -9.12 -9.58
C GLU A 20 -26.11 -8.17 -8.84
N LEU A 21 -26.66 -7.14 -8.19
CA LEU A 21 -25.84 -6.13 -7.54
C LEU A 21 -24.97 -6.70 -6.43
N PRO A 22 -25.47 -7.54 -5.50
CA PRO A 22 -24.58 -8.08 -4.47
C PRO A 22 -23.41 -8.90 -5.01
N ALA A 23 -23.70 -9.83 -5.93
CA ALA A 23 -22.63 -10.64 -6.52
C ALA A 23 -21.65 -9.76 -7.30
N GLN A 24 -22.15 -8.69 -7.93
CA GLN A 24 -21.27 -7.79 -8.65
C GLN A 24 -20.35 -7.03 -7.69
N VAL A 25 -20.89 -6.64 -6.53
CA VAL A 25 -20.05 -5.99 -5.51
C VAL A 25 -18.96 -6.94 -5.05
N LYS A 26 -19.32 -8.21 -4.83
CA LYS A 26 -18.34 -9.19 -4.37
C LYS A 26 -17.25 -9.41 -5.42
N GLY A 27 -17.64 -9.48 -6.69
CA GLY A 27 -16.66 -9.66 -7.74
C GLY A 27 -15.69 -8.49 -7.90
N LEU A 28 -16.22 -7.26 -7.79
CA LEU A 28 -15.34 -6.09 -7.84
C LEU A 28 -14.40 -6.05 -6.64
N ALA A 29 -14.90 -6.42 -5.45
CA ALA A 29 -14.01 -6.55 -4.31
C ALA A 29 -12.90 -7.55 -4.58
N ALA A 30 -13.25 -8.68 -5.21
CA ALA A 30 -12.25 -9.67 -5.59
C ALA A 30 -11.23 -9.11 -6.58
N HIS A 31 -11.68 -8.27 -7.51
CA HIS A 31 -10.76 -7.62 -8.45
C HIS A 31 -9.76 -6.75 -7.70
N ILE A 32 -10.25 -5.89 -6.81
CA ILE A 32 -9.37 -5.07 -5.97
C ILE A 32 -8.39 -5.97 -5.20
N ASN A 33 -8.91 -7.07 -4.64
CA ASN A 33 -8.09 -7.99 -3.85
C ASN A 33 -6.96 -8.56 -4.67
N LEU A 34 -7.23 -8.99 -5.90
CA LEU A 34 -6.18 -9.63 -6.70
C LEU A 34 -5.13 -8.62 -7.15
N SER A 35 -5.53 -7.38 -7.46
CA SER A 35 -4.53 -6.37 -7.77
C SER A 35 -3.62 -6.13 -6.57
N LEU A 36 -4.22 -5.88 -5.40
CA LEU A 36 -3.43 -5.69 -4.19
C LEU A 36 -2.59 -6.92 -3.88
N SER A 37 -3.05 -8.10 -4.27
CA SER A 37 -2.32 -9.33 -3.94
C SER A 37 -1.09 -9.49 -4.81
N GLN A 38 -1.19 -9.11 -6.09
CA GLN A 38 0.03 -9.04 -6.91
C GLN A 38 1.03 -8.08 -6.28
N ASP A 39 0.56 -6.90 -5.89
CA ASP A 39 1.45 -5.94 -5.23
C ASP A 39 2.07 -6.53 -3.96
N LEU A 40 1.27 -7.27 -3.17
CA LEU A 40 1.74 -7.82 -1.91
C LEU A 40 2.78 -8.91 -2.11
N ALA A 41 2.55 -9.80 -3.08
CA ALA A 41 3.53 -10.85 -3.37
C ALA A 41 4.86 -10.24 -3.81
N ILE A 42 4.80 -9.22 -4.67
CA ILE A 42 6.05 -8.57 -5.09
C ILE A 42 6.72 -7.89 -3.89
N SER A 43 5.92 -7.29 -3.00
CA SER A 43 6.49 -6.64 -1.82
C SER A 43 7.18 -7.64 -0.91
N GLU A 44 6.58 -8.81 -0.71
CA GLU A 44 7.21 -9.84 0.12
C GLU A 44 8.51 -10.34 -0.51
N SER A 45 8.48 -10.61 -1.82
CA SER A 45 9.69 -11.06 -2.49
C SER A 45 10.78 -10.01 -2.43
N LEU A 46 10.42 -8.73 -2.45
CA LEU A 46 11.41 -7.66 -2.36
C LEU A 46 11.98 -7.57 -0.94
N ALA A 47 11.12 -7.65 0.07
CA ALA A 47 11.59 -7.57 1.45
C ALA A 47 12.48 -8.74 1.82
N ASN A 48 12.20 -9.93 1.26
CA ASN A 48 13.01 -11.11 1.52
C ASN A 48 13.99 -11.40 0.39
N SER A 49 14.34 -10.39 -0.39
CA SER A 49 15.28 -10.58 -1.50
C SER A 49 16.68 -10.84 -0.95
N TYR A 50 17.29 -11.95 -1.39
CA TYR A 50 18.64 -12.27 -0.94
C TYR A 50 19.64 -11.22 -1.40
N PHE A 51 19.46 -10.67 -2.60
CA PHE A 51 20.39 -9.67 -3.09
C PHE A 51 20.29 -8.38 -2.28
N ILE A 52 19.08 -7.99 -1.88
CA ILE A 52 18.94 -6.81 -1.03
C ILE A 52 19.57 -7.06 0.33
N GLU A 53 19.39 -8.27 0.88
CA GLU A 53 20.00 -8.58 2.17
C GLU A 53 21.52 -8.58 2.07
N GLN A 54 22.07 -9.06 0.96
CA GLN A 54 23.52 -9.03 0.79
C GLN A 54 24.01 -7.60 0.63
N TRP A 55 23.25 -6.76 -0.08
CA TRP A 55 23.59 -5.34 -0.19
C TRP A 55 23.56 -4.67 1.18
N VAL A 56 22.67 -5.12 2.07
CA VAL A 56 22.62 -4.55 3.41
C VAL A 56 23.82 -5.02 4.24
N ARG A 57 24.12 -6.31 4.18
CA ARG A 57 25.24 -6.86 4.93
C ARG A 57 26.57 -6.27 4.46
N GLU A 58 26.67 -5.93 3.17
CA GLU A 58 27.88 -5.32 2.62
C GLU A 58 28.10 -3.89 3.09
N GLY A 59 27.20 -3.34 3.89
CA GLY A 59 27.32 -1.97 4.34
C GLY A 59 26.60 -0.96 3.48
N LEU A 60 25.70 -1.40 2.61
CA LEU A 60 24.98 -0.52 1.69
C LEU A 60 25.94 0.32 0.87
N PRO A 61 26.76 -0.28 0.00
CA PRO A 61 27.70 0.52 -0.78
C PRO A 61 26.98 1.36 -1.83
N GLU A 62 27.41 2.62 -1.94
CA GLU A 62 26.86 3.51 -2.96
C GLU A 62 27.22 3.01 -4.35
N GLU A 63 28.34 2.28 -4.47
CA GLU A 63 28.78 1.78 -5.76
C GLU A 63 27.71 0.92 -6.44
N ARG A 64 26.94 0.18 -5.65
CA ARG A 64 25.90 -0.69 -6.16
C ARG A 64 24.53 -0.02 -6.23
N GLN A 65 24.41 1.23 -5.78
CA GLN A 65 23.12 1.90 -5.74
C GLN A 65 22.41 1.84 -7.08
N ASN A 66 23.13 2.19 -8.16
CA ASN A 66 22.58 2.10 -9.50
C ASN A 66 21.92 0.74 -9.72
N ASP A 67 22.66 -0.34 -9.46
CA ASP A 67 22.10 -1.69 -9.53
C ASP A 67 20.76 -1.77 -8.81
N ILE A 68 20.77 -1.43 -7.51
CA ILE A 68 19.55 -1.45 -6.71
C ILE A 68 18.44 -0.70 -7.43
N ALA A 69 18.74 0.54 -7.87
CA ALA A 69 17.74 1.33 -8.57
C ALA A 69 17.15 0.54 -9.74
N ALA A 70 18.03 0.04 -10.62
CA ALA A 70 17.57 -0.74 -11.76
C ALA A 70 16.64 -1.87 -11.30
N TYR A 71 17.07 -2.59 -10.26
CA TYR A 71 16.25 -3.66 -9.71
C TYR A 71 14.85 -3.16 -9.39
N LEU A 72 14.77 -2.11 -8.57
CA LEU A 72 13.46 -1.56 -8.21
C LEU A 72 12.71 -1.09 -9.44
N ALA A 73 13.42 -0.52 -10.42
CA ALA A 73 12.78 -0.10 -11.65
C ALA A 73 12.05 -1.28 -12.30
N ARG A 74 12.72 -2.44 -12.36
CA ARG A 74 12.12 -3.62 -12.97
C ARG A 74 10.81 -3.99 -12.30
N LEU A 75 10.68 -3.67 -11.01
CA LEU A 75 9.42 -3.97 -10.32
C LEU A 75 8.39 -2.89 -10.57
N MSE A 76 8.82 -1.63 -10.61
CA MSE A 76 7.91 -0.51 -10.77
C MSE A 76 7.22 -0.58 -12.14
O MSE A 76 6.05 -0.24 -12.29
CB MSE A 76 8.63 0.82 -10.60
CG MSE A 76 7.77 2.05 -10.88
SE MSE A 76 8.55 3.71 -10.25
CE MSE A 76 8.61 3.30 -8.34
N GLU A 77 7.98 -1.05 -13.14
CA GLU A 77 7.41 -1.25 -14.47
C GLU A 77 6.35 -2.35 -14.45
N GLN A 78 6.50 -3.35 -13.59
CA GLN A 78 5.56 -4.46 -13.57
C GLN A 78 4.32 -4.14 -12.75
N LEU A 79 4.49 -3.43 -11.63
CA LEU A 79 3.39 -3.15 -10.72
C LEU A 79 2.67 -1.86 -11.03
N ASP A 80 3.30 -0.96 -11.79
CA ASP A 80 2.73 0.33 -12.14
C ASP A 80 2.36 1.11 -10.87
N THR A 81 3.31 1.19 -9.95
CA THR A 81 3.14 1.92 -8.70
C THR A 81 4.09 3.11 -8.69
N GLU A 82 3.59 4.24 -8.16
CA GLU A 82 4.36 5.48 -8.20
C GLU A 82 5.61 5.40 -7.33
N LEU A 83 5.54 4.68 -6.21
CA LEU A 83 6.61 4.70 -5.22
C LEU A 83 7.09 3.28 -4.94
N LEU A 84 8.40 3.12 -4.74
CA LEU A 84 8.95 1.88 -4.19
C LEU A 84 9.91 2.23 -3.05
N PHE A 85 9.82 1.51 -1.94
CA PHE A 85 10.62 1.85 -0.77
C PHE A 85 11.28 0.62 -0.17
N ILE A 86 12.44 0.86 0.46
CA ILE A 86 13.22 -0.15 1.18
C ILE A 86 13.77 0.49 2.44
N ALA A 87 13.46 -0.09 3.60
CA ALA A 87 13.97 0.39 4.88
C ALA A 87 14.86 -0.70 5.47
N ALA A 88 16.15 -0.43 5.52
CA ALA A 88 17.15 -1.40 5.93
C ALA A 88 17.71 -1.07 7.31
N GLN A 89 18.16 -2.11 8.01
CA GLN A 89 18.79 -1.98 9.31
C GLN A 89 20.23 -2.45 9.22
N HIS A 90 21.15 -1.63 9.68
CA HIS A 90 22.55 -2.03 9.72
C HIS A 90 23.26 -1.28 10.83
N GLN A 91 23.97 -2.03 11.68
CA GLN A 91 24.72 -1.47 12.80
C GLN A 91 23.83 -0.64 13.73
N GLY A 92 22.55 -0.97 13.78
CA GLY A 92 21.61 -0.23 14.61
C GLY A 92 21.07 1.04 14.00
N ARG A 93 21.36 1.30 12.73
CA ARG A 93 20.86 2.48 12.04
C ARG A 93 19.90 2.06 10.94
N GLY A 94 18.83 2.83 10.78
CA GLY A 94 17.82 2.57 9.76
C GLY A 94 17.96 3.52 8.61
N TYR A 95 17.90 2.97 7.40
CA TYR A 95 18.05 3.72 6.17
C TYR A 95 16.81 3.56 5.32
N TYR A 96 16.28 4.66 4.79
CA TYR A 96 15.07 4.67 3.98
C TYR A 96 15.42 5.09 2.56
N PHE A 97 15.22 4.17 1.61
CA PHE A 97 15.42 4.42 0.20
C PHE A 97 14.09 4.38 -0.53
N GLN A 98 13.97 5.20 -1.57
CA GLN A 98 12.73 5.29 -2.33
C GLN A 98 13.04 5.61 -3.78
N LEU A 99 12.56 4.76 -4.68
CA LEU A 99 12.54 5.06 -6.10
C LEU A 99 11.19 5.67 -6.45
N ARG A 100 11.24 6.83 -7.12
CA ARG A 100 10.03 7.52 -7.55
C ARG A 100 10.39 8.49 -8.67
N ASN A 101 9.69 8.36 -9.81
CA ASN A 101 9.85 9.28 -10.93
C ASN A 101 11.31 9.34 -11.41
N GLY A 102 11.97 8.19 -11.40
CA GLY A 102 13.36 8.12 -11.82
C GLY A 102 14.36 8.61 -10.80
N GLU A 103 13.92 9.13 -9.66
CA GLU A 103 14.82 9.59 -8.62
C GLU A 103 14.96 8.54 -7.52
N PHE A 104 16.19 8.32 -7.09
CA PHE A 104 16.54 7.35 -6.06
C PHE A 104 16.94 8.15 -4.82
N LEU A 105 15.97 8.36 -3.93
CA LEU A 105 16.17 9.16 -2.73
C LEU A 105 16.55 8.26 -1.56
N GLN A 106 17.37 8.81 -0.64
CA GLN A 106 17.84 8.08 0.52
C GLN A 106 17.93 9.02 1.71
N ARG A 107 17.60 8.50 2.89
CA ARG A 107 17.66 9.28 4.11
C ARG A 107 17.81 8.33 5.30
N ILE A 108 17.94 8.90 6.49
CA ILE A 108 18.07 8.16 7.74
C ILE A 108 16.72 8.17 8.46
N ILE A 109 16.32 7.02 8.98
CA ILE A 109 15.03 6.91 9.66
C ILE A 109 15.08 7.69 10.97
N GLN A 110 14.06 8.52 11.19
CA GLN A 110 14.01 9.41 12.33
C GLN A 110 13.61 8.67 13.60
N PRO A 111 13.94 9.20 14.77
CA PRO A 111 13.50 8.60 16.04
C PRO A 111 11.99 8.57 16.14
N PRO A 112 11.44 7.84 17.12
CA PRO A 112 9.97 7.73 17.23
C PRO A 112 9.24 9.04 17.45
N GLY A 113 9.94 10.12 17.78
CA GLY A 113 9.27 11.39 17.98
C GLY A 113 8.93 12.14 16.72
N SER A 114 9.33 11.63 15.55
CA SER A 114 9.12 12.29 14.28
C SER A 114 8.11 11.51 13.43
N GLU A 115 8.08 11.79 12.13
CA GLU A 115 7.11 11.21 11.21
C GLU A 115 7.40 9.75 10.87
N ASP A 116 8.60 9.25 11.15
CA ASP A 116 8.91 7.85 10.83
C ASP A 116 8.43 6.89 11.89
N ASP A 117 7.65 7.34 12.87
CA ASP A 117 7.20 6.46 13.94
C ASP A 117 6.36 5.31 13.40
N TRP A 118 5.73 5.50 12.24
CA TRP A 118 5.02 4.41 11.58
C TRP A 118 5.89 3.16 11.52
N TYR A 119 7.18 3.32 11.20
CA TYR A 119 8.10 2.19 11.19
C TYR A 119 8.08 1.49 12.54
N TYR A 120 8.40 2.23 13.60
CA TYR A 120 8.37 1.67 14.94
C TYR A 120 7.01 1.07 15.26
N HIS A 121 5.95 1.57 14.62
CA HIS A 121 4.65 0.93 14.76
C HIS A 121 4.64 -0.44 14.11
N PHE A 122 4.88 -0.48 12.79
CA PHE A 122 4.73 -1.73 12.06
C PHE A 122 5.73 -2.77 12.52
N THR A 123 6.96 -2.35 12.84
CA THR A 123 7.96 -3.31 13.33
C THR A 123 7.66 -3.79 14.73
N ASP A 124 6.85 -3.06 15.51
CA ASP A 124 6.46 -3.53 16.83
C ASP A 124 5.23 -4.43 16.80
N SER A 125 4.43 -4.37 15.74
CA SER A 125 3.32 -5.28 15.57
C SER A 125 3.83 -6.63 15.05
N ASP A 126 3.12 -7.68 15.43
CA ASP A 126 3.45 -9.03 14.96
C ASP A 126 2.95 -9.30 13.54
N ASN A 127 2.46 -8.28 12.84
CA ASN A 127 1.96 -8.47 11.49
C ASN A 127 3.10 -8.65 10.50
N ALA A 128 2.94 -9.60 9.58
CA ALA A 128 3.89 -9.74 8.50
C ALA A 128 3.81 -8.57 7.52
N TYR A 129 2.63 -7.95 7.42
CA TYR A 129 2.47 -6.81 6.54
C TYR A 129 1.28 -5.97 7.01
N GLU A 130 1.30 -4.70 6.66
CA GLU A 130 0.20 -3.78 6.93
C GLU A 130 0.11 -2.79 5.78
N LEU A 131 -1.09 -2.25 5.58
CA LEU A 131 -1.35 -1.25 4.55
C LEU A 131 -1.72 0.06 5.25
N ASN A 132 -0.70 0.86 5.57
CA ASN A 132 -0.87 2.13 6.26
C ASN A 132 -0.88 3.26 5.25
N LEU A 133 -1.88 4.13 5.35
CA LEU A 133 -1.94 5.34 4.55
C LEU A 133 -1.24 6.46 5.29
N ASP A 134 -0.35 7.19 4.60
CA ASP A 134 0.40 8.23 5.29
C ASP A 134 0.98 9.20 4.26
N SER A 135 1.30 10.40 4.74
CA SER A 135 1.96 11.40 3.92
C SER A 135 3.42 11.00 3.69
N ASP A 136 3.89 11.22 2.47
CA ASP A 136 5.26 10.85 2.12
C ASP A 136 6.27 11.65 2.93
N THR A 137 7.34 10.98 3.36
CA THR A 137 8.36 11.63 4.16
C THR A 137 9.34 12.44 3.32
N PHE A 138 9.48 12.13 2.04
CA PHE A 138 10.32 12.96 1.17
C PHE A 138 9.55 14.18 0.66
N SER A 139 8.26 14.06 0.46
CA SER A 139 7.40 15.18 0.07
C SER A 139 6.13 15.13 0.89
N PRO A 140 6.01 15.96 1.92
CA PRO A 140 4.83 15.88 2.80
C PRO A 140 3.52 16.22 2.12
N ASP A 141 3.56 16.89 0.96
CA ASP A 141 2.31 17.26 0.29
C ASP A 141 1.55 16.03 -0.18
N ASP A 142 2.25 15.06 -0.78
CA ASP A 142 1.61 13.88 -1.34
C ASP A 142 1.46 12.79 -0.29
N ALA A 143 0.28 12.20 -0.23
CA ALA A 143 0.00 11.07 0.65
C ALA A 143 -0.23 9.81 -0.18
N PHE A 144 0.32 8.70 0.28
CA PHE A 144 0.26 7.43 -0.43
C PHE A 144 -0.28 6.33 0.48
N VAL A 145 -0.61 5.21 -0.14
CA VAL A 145 -0.96 3.99 0.58
C VAL A 145 0.25 3.07 0.51
N TYR A 146 0.90 2.86 1.64
CA TYR A 146 2.17 2.15 1.69
C TYR A 146 1.94 0.67 2.00
N VAL A 147 2.61 -0.18 1.23
CA VAL A 147 2.54 -1.62 1.41
C VAL A 147 3.77 -2.07 2.19
N ASN A 148 3.72 -1.92 3.51
CA ASN A 148 4.83 -2.32 4.37
C ASN A 148 4.84 -3.83 4.52
N TYR A 149 5.91 -4.48 4.05
CA TYR A 149 6.10 -5.91 4.24
C TYR A 149 7.42 -6.15 4.95
N ARG A 150 7.38 -7.05 5.94
CA ARG A 150 8.51 -7.31 6.82
C ARG A 150 9.34 -8.47 6.28
N SER A 151 10.67 -8.33 6.40
CA SER A 151 11.56 -9.42 6.02
C SER A 151 11.59 -10.49 7.11
N THR A 152 11.78 -11.74 6.68
CA THR A 152 11.86 -12.83 7.63
C THR A 152 13.08 -12.70 8.53
N VAL A 153 14.17 -12.14 8.01
CA VAL A 153 15.40 -11.98 8.79
C VAL A 153 15.28 -10.76 9.68
N ASN A 154 15.77 -10.88 10.91
CA ASN A 154 15.78 -9.80 11.88
C ASN A 154 17.21 -9.37 12.17
N ALA A 155 17.39 -8.08 12.42
CA ALA A 155 18.70 -7.53 12.73
C ALA A 155 19.10 -7.88 14.15
N ALA A 156 20.29 -7.44 14.56
CA ALA A 156 20.78 -7.74 15.90
C ALA A 156 19.95 -7.04 16.97
N ASN A 157 19.33 -5.91 16.62
CA ASN A 157 18.50 -5.18 17.58
C ASN A 157 17.08 -5.71 17.68
N GLY A 158 16.75 -6.77 16.93
CA GLY A 158 15.44 -7.37 16.98
C GLY A 158 14.45 -6.87 15.95
N ARG A 159 14.77 -5.79 15.24
CA ARG A 159 13.88 -5.25 14.22
C ARG A 159 14.09 -5.97 12.89
N PRO A 160 13.10 -5.95 12.00
CA PRO A 160 13.27 -6.57 10.69
C PRO A 160 14.46 -5.98 9.95
N LEU A 161 15.28 -6.86 9.38
CA LEU A 161 16.44 -6.40 8.62
C LEU A 161 16.03 -5.53 7.45
N VAL A 162 14.92 -5.87 6.80
CA VAL A 162 14.40 -5.11 5.67
C VAL A 162 12.89 -4.99 5.80
N VAL A 163 12.38 -3.79 5.55
CA VAL A 163 10.95 -3.54 5.41
C VAL A 163 10.78 -2.83 4.07
N ALA A 164 10.36 -3.56 3.04
CA ALA A 164 10.27 -3.03 1.70
C ALA A 164 8.85 -3.16 1.19
N GLY A 165 8.55 -2.41 0.13
CA GLY A 165 7.23 -2.48 -0.48
C GLY A 165 7.00 -1.37 -1.48
N ALA A 166 5.72 -1.17 -1.80
CA ALA A 166 5.30 -0.23 -2.82
C ALA A 166 4.39 0.83 -2.23
N GLY A 167 4.68 2.09 -2.54
CA GLY A 167 3.80 3.19 -2.20
C GLY A 167 2.86 3.49 -3.36
N LEU A 168 1.59 3.18 -3.15
CA LEU A 168 0.57 3.34 -4.17
C LEU A 168 0.03 4.76 -4.18
N ASP A 169 0.03 5.38 -5.36
CA ASP A 169 -0.66 6.65 -5.59
C ASP A 169 -2.16 6.43 -5.55
N LEU A 170 -2.87 7.19 -4.71
CA LEU A 170 -4.29 6.96 -4.51
C LEU A 170 -5.11 7.22 -5.77
N SER A 171 -4.61 8.00 -6.71
CA SER A 171 -5.33 8.20 -7.96
C SER A 171 -5.52 6.88 -8.70
N GLN A 172 -4.52 6.01 -8.67
CA GLN A 172 -4.68 4.66 -9.20
C GLN A 172 -5.82 3.94 -8.50
N MSE A 173 -5.90 4.08 -7.18
CA MSE A 173 -6.99 3.53 -6.38
C MSE A 173 -8.33 3.99 -6.94
O MSE A 173 -9.31 3.25 -6.94
CB MSE A 173 -6.86 3.94 -4.92
CG MSE A 173 -5.63 3.41 -4.20
SE MSE A 173 -5.81 1.53 -3.74
CE MSE A 173 -4.36 1.39 -2.43
N ALA A 174 -8.36 5.25 -7.40
CA ALA A 174 -9.58 5.80 -7.95
C ALA A 174 -9.90 5.20 -9.31
N SER A 175 -8.86 4.90 -10.10
CA SER A 175 -9.07 4.39 -11.46
C SER A 175 -9.39 2.90 -11.47
N LEU A 176 -8.98 2.14 -10.47
CA LEU A 176 -9.28 0.72 -10.46
C LEU A 176 -10.60 0.40 -9.76
N ILE A 177 -11.15 1.34 -8.99
CA ILE A 177 -12.53 1.20 -8.54
C ILE A 177 -13.49 1.81 -9.56
N ASP A 178 -13.04 2.85 -10.28
CA ASP A 178 -13.74 3.32 -11.47
C ASP A 178 -13.52 2.42 -12.67
N ASP A 179 -12.70 1.37 -12.52
CA ASP A 179 -12.46 0.42 -13.60
C ASP A 179 -13.76 -0.22 -14.08
N PHE A 180 -14.58 -0.71 -13.14
CA PHE A 180 -15.86 -1.32 -13.45
C PHE A 180 -16.98 -0.47 -12.85
N ARG A 181 -18.00 -0.19 -13.64
CA ARG A 181 -19.17 0.58 -13.20
C ARG A 181 -20.43 -0.17 -13.61
N LEU A 182 -21.40 -0.22 -12.71
CA LEU A 182 -22.70 -0.82 -13.00
C LEU A 182 -23.56 0.20 -13.74
N GLY A 183 -23.79 -0.04 -15.03
CA GLY A 183 -24.61 0.85 -15.83
C GLY A 183 -24.04 2.23 -16.07
N GLY A 184 -22.76 2.44 -15.76
CA GLY A 184 -22.13 3.73 -15.95
C GLY A 184 -22.54 4.80 -14.97
N SER A 185 -23.37 4.48 -13.98
CA SER A 185 -23.81 5.43 -12.98
C SER A 185 -23.49 4.89 -11.59
N GLY A 186 -23.86 5.65 -10.57
CA GLY A 186 -23.60 5.27 -9.20
C GLY A 186 -22.20 5.66 -8.75
N HIS A 187 -22.01 5.63 -7.43
CA HIS A 187 -20.74 6.01 -6.82
C HIS A 187 -20.25 4.89 -5.92
N ALA A 188 -18.96 4.58 -6.03
CA ALA A 188 -18.31 3.58 -5.20
C ALA A 188 -17.30 4.27 -4.30
N SER A 189 -17.35 3.97 -3.01
CA SER A 189 -16.48 4.60 -2.03
C SER A 189 -15.75 3.55 -1.20
N LEU A 190 -14.54 3.89 -0.79
CA LEU A 190 -13.71 3.05 0.06
C LEU A 190 -13.26 3.86 1.25
N LEU A 191 -13.62 3.40 2.45
CA LEU A 191 -13.39 4.08 3.72
C LEU A 191 -12.45 3.26 4.60
N SER A 192 -12.01 3.87 5.69
CA SER A 192 -11.21 3.20 6.70
C SER A 192 -12.10 2.69 7.83
N ALA A 193 -11.49 2.10 8.86
CA ALA A 193 -12.23 1.51 9.96
C ALA A 193 -12.81 2.55 10.91
N GLU A 194 -12.25 3.75 10.96
CA GLU A 194 -12.78 4.83 11.78
C GLU A 194 -13.77 5.71 11.03
N GLY A 195 -14.01 5.43 9.76
CA GLY A 195 -14.87 6.27 8.94
C GLY A 195 -14.15 7.25 8.05
N GLU A 196 -12.82 7.27 8.08
CA GLU A 196 -12.06 8.16 7.22
C GLU A 196 -12.10 7.66 5.78
N LEU A 197 -12.69 8.46 4.90
CA LEU A 197 -12.86 8.04 3.52
C LEU A 197 -11.52 8.02 2.80
N LEU A 198 -11.22 6.92 2.10
CA LEU A 198 -9.98 6.80 1.36
C LEU A 198 -10.14 7.26 -0.09
N VAL A 199 -11.13 6.73 -0.81
CA VAL A 199 -11.25 7.01 -2.24
C VAL A 199 -12.70 6.92 -2.68
N ARG A 200 -13.01 7.60 -3.80
CA ARG A 200 -14.34 7.56 -4.42
C ARG A 200 -14.18 7.56 -5.93
N SER A 201 -15.14 6.92 -6.61
CA SER A 201 -15.12 6.88 -8.07
C SER A 201 -15.67 8.17 -8.67
N LEU A 235 -23.03 -10.80 2.46
CA LEU A 235 -23.32 -9.38 2.51
C LEU A 235 -24.80 -9.14 2.77
N GLN A 236 -25.14 -7.92 3.19
CA GLN A 236 -26.52 -7.55 3.48
C GLN A 236 -26.81 -6.23 2.76
N VAL A 237 -27.67 -6.29 1.76
CA VAL A 237 -28.00 -5.12 0.94
C VAL A 237 -29.18 -4.39 1.58
N HIS A 238 -29.14 -3.06 1.52
CA HIS A 238 -30.17 -2.22 2.12
C HIS A 238 -30.56 -1.12 1.14
N GLU A 239 -31.67 -0.47 1.43
CA GLU A 239 -32.23 0.59 0.59
C GLU A 239 -32.36 1.86 1.42
N ALA A 240 -31.84 2.97 0.89
CA ALA A 240 -31.86 4.24 1.63
C ALA A 240 -32.19 5.37 0.68
N THR A 241 -32.98 6.34 1.15
CA THR A 241 -33.36 7.48 0.33
C THR A 241 -32.28 8.54 0.43
N ARG A 242 -31.63 8.82 -0.69
CA ARG A 242 -30.66 9.90 -0.75
C ARG A 242 -31.38 11.21 -1.05
N ASP A 243 -30.65 12.31 -0.88
CA ASP A 243 -31.16 13.63 -1.25
C ASP A 243 -31.62 13.62 -2.71
N GLY A 244 -32.90 13.91 -2.91
CA GLY A 244 -33.47 13.89 -4.24
C GLY A 244 -34.17 12.59 -4.58
N GLN A 245 -33.39 11.54 -4.85
CA GLN A 245 -33.91 10.25 -5.27
C GLN A 245 -33.33 9.15 -4.41
N GLU A 246 -34.10 8.09 -4.23
CA GLU A 246 -33.70 6.96 -3.41
C GLU A 246 -32.69 6.08 -4.15
N VAL A 247 -31.87 5.35 -3.39
CA VAL A 247 -30.82 4.50 -3.92
C VAL A 247 -30.73 3.24 -3.08
N LEU A 248 -29.96 2.28 -3.58
CA LEU A 248 -29.64 1.05 -2.87
C LEU A 248 -28.16 1.06 -2.50
N VAL A 249 -27.86 0.68 -1.27
CA VAL A 249 -26.48 0.65 -0.77
C VAL A 249 -26.19 -0.73 -0.21
N SER A 250 -24.92 -1.15 -0.35
CA SER A 250 -24.46 -2.42 0.20
C SER A 250 -22.95 -2.33 0.38
N THR A 251 -22.49 -2.75 1.55
CA THR A 251 -21.10 -2.60 1.95
C THR A 251 -20.47 -3.96 2.24
N ILE A 252 -19.14 -4.00 2.17
CA ILE A 252 -18.40 -5.21 2.50
C ILE A 252 -16.99 -4.80 2.90
N TRP A 253 -16.40 -5.57 3.81
CA TRP A 253 -15.10 -5.25 4.39
C TRP A 253 -14.01 -6.11 3.75
N LEU A 254 -12.88 -5.47 3.42
CA LEU A 254 -11.74 -6.16 2.85
C LEU A 254 -10.70 -6.39 3.93
N PRO A 255 -10.29 -7.64 4.14
CA PRO A 255 -9.31 -7.95 5.18
C PRO A 255 -7.89 -7.61 4.73
N GLU A 256 -7.60 -7.79 3.44
CA GLU A 256 -6.26 -7.47 2.96
C GLU A 256 -5.98 -5.97 3.07
N LEU A 257 -7.00 -5.16 2.82
CA LEU A 257 -6.91 -3.71 2.93
C LEU A 257 -7.33 -3.18 4.29
N GLN A 258 -7.87 -4.04 5.16
CA GLN A 258 -8.40 -3.67 6.47
C GLN A 258 -9.52 -2.64 6.39
N ARG A 259 -10.23 -2.55 5.27
CA ARG A 259 -11.03 -1.37 5.02
C ARG A 259 -12.34 -1.72 4.32
N TYR A 260 -13.35 -0.87 4.50
CA TYR A 260 -14.69 -1.15 4.01
C TYR A 260 -14.89 -0.59 2.60
N LEU A 261 -16.00 -1.00 1.99
CA LEU A 261 -16.34 -0.66 0.62
C LEU A 261 -17.84 -0.48 0.52
N MSE A 262 -18.27 0.68 0.04
CA MSE A 262 -19.68 0.98 -0.17
C MSE A 262 -19.95 1.24 -1.65
O MSE A 262 -19.02 1.41 -2.43
CB MSE A 262 -20.11 2.19 0.66
CG MSE A 262 -19.67 2.15 2.12
SE MSE A 262 -20.45 3.59 3.17
CE MSE A 262 -22.32 3.08 3.09
N VAL A 263 -21.23 1.29 -2.02
CA VAL A 263 -21.59 1.52 -3.42
C VAL A 263 -23.05 1.96 -3.47
N GLU A 264 -23.33 2.96 -4.30
CA GLU A 264 -24.68 3.45 -4.54
C GLU A 264 -25.10 3.15 -5.97
N VAL A 265 -26.38 2.85 -6.15
CA VAL A 265 -26.95 2.57 -7.47
C VAL A 265 -28.37 3.11 -7.52
N ASP A 266 -28.69 3.80 -8.62
CA ASP A 266 -30.05 4.24 -8.90
C ASP A 266 -30.47 3.68 -10.25
N LYS A 267 -31.67 3.12 -10.30
CA LYS A 267 -32.25 2.48 -11.49
C LYS A 267 -31.24 1.69 -12.31
N9 GUN B . 7.37 4.57 3.45
C8 GUN B . 7.07 3.25 3.62
N7 GUN B . 6.07 3.05 4.45
C5 GUN B . 5.68 4.31 4.85
C6 GUN B . 4.65 4.72 5.74
O6 GUN B . 3.85 4.01 6.35
N1 GUN B . 4.59 6.11 5.86
C2 GUN B . 5.43 6.99 5.22
N2 GUN B . 5.23 8.29 5.47
N3 GUN B . 6.40 6.61 4.40
C4 GUN B . 6.49 5.27 4.23
#